data_6Q6P
#
_entry.id   6Q6P
#
_cell.length_a   43.658
_cell.length_b   105.647
_cell.length_c   127.328
_cell.angle_alpha   90.00
_cell.angle_beta   90.00
_cell.angle_gamma   90.00
#
_symmetry.space_group_name_H-M   'P 21 21 21'
#
loop_
_entity.id
_entity.type
_entity.pdbx_description
1 polymer Cytoglobin
2 non-polymer 'PROTOPORPHYRIN IX CONTAINING FE'
3 water water
#
_entity_poly.entity_id   1
_entity_poly.type   'polypeptide(L)'
_entity_poly.pdbx_seq_one_letter_code
;MERMQGEAEGDHLERPSPLTDKERVMIQDSWAKVYENSDDTGVAILVRLFVNFPSSRQYFSQFKHIEEPEELERSAQLRK
HANRVMNGLNTLVESLDNSEKVASVLKLLGKAHALRHKVEPVYFKILSGVILEVLGEAFSEVVTPEVAAAWTKLLATIYS
GINAVYEEVGWSKHSSSSG
;
_entity_poly.pdbx_strand_id   A,B
#
# COMPACT_ATOMS: atom_id res chain seq x y z
N SER A 17 2.24 -10.77 13.88
CA SER A 17 3.52 -10.63 13.13
C SER A 17 3.34 -10.66 11.61
N PRO A 18 2.47 -11.55 11.07
CA PRO A 18 2.24 -11.55 9.63
C PRO A 18 1.01 -10.70 9.21
N LEU A 19 1.23 -9.50 8.69
CA LEU A 19 0.10 -8.65 8.29
C LEU A 19 -0.22 -8.74 6.80
N THR A 20 -1.47 -9.05 6.45
CA THR A 20 -1.85 -9.38 5.06
C THR A 20 -2.31 -8.16 4.27
N ASP A 21 -2.36 -8.30 2.95
CA ASP A 21 -2.75 -7.19 2.09
C ASP A 21 -4.20 -6.77 2.31
N LYS A 22 -5.07 -7.74 2.62
CA LYS A 22 -6.49 -7.45 2.87
C LYS A 22 -6.61 -6.64 4.16
N GLU A 23 -5.97 -7.14 5.22
CA GLU A 23 -5.93 -6.48 6.53
C GLU A 23 -5.45 -5.04 6.44
N ARG A 24 -4.32 -4.84 5.80
CA ARG A 24 -3.85 -3.52 5.43
C ARG A 24 -4.97 -2.66 4.84
N VAL A 25 -5.78 -3.24 3.96
CA VAL A 25 -6.86 -2.46 3.35
C VAL A 25 -7.99 -2.21 4.34
N MET A 26 -8.35 -3.24 5.10
CA MET A 26 -9.27 -3.09 6.24
C MET A 26 -8.90 -1.88 7.10
N ILE A 27 -7.60 -1.76 7.41
CA ILE A 27 -7.11 -0.69 8.26
C ILE A 27 -7.18 0.70 7.63
N GLN A 28 -6.58 0.87 6.46
CA GLN A 28 -6.69 2.11 5.70
C GLN A 28 -8.12 2.61 5.57
N ASP A 29 -9.06 1.68 5.40
CA ASP A 29 -10.42 2.03 5.06
C ASP A 29 -11.21 2.42 6.30
N SER A 30 -11.04 1.66 7.36
CA SER A 30 -11.60 2.04 8.66
C SER A 30 -10.97 3.34 9.19
N TRP A 31 -9.67 3.52 9.04
CA TRP A 31 -9.00 4.70 9.56
C TRP A 31 -9.53 5.96 8.91
N ALA A 32 -9.87 5.84 7.63
CA ALA A 32 -10.39 7.00 6.90
C ALA A 32 -11.66 7.54 7.59
N LYS A 33 -12.45 6.66 8.19
CA LYS A 33 -13.66 7.08 8.91
C LYS A 33 -13.32 7.68 10.26
N VAL A 34 -12.34 7.09 10.92
CA VAL A 34 -11.89 7.58 12.22
C VAL A 34 -11.27 8.96 12.10
N TYR A 35 -10.44 9.17 11.08
CA TYR A 35 -9.75 10.44 10.91
C TYR A 35 -10.73 11.57 10.64
N GLU A 36 -11.87 11.24 10.03
CA GLU A 36 -12.89 12.27 9.76
C GLU A 36 -13.40 12.94 11.05
N ASN A 37 -13.69 12.18 12.09
CA ASN A 37 -13.80 12.77 13.44
C ASN A 37 -12.53 12.56 14.29
N SER A 38 -11.46 13.29 13.96
CA SER A 38 -10.14 12.97 14.48
C SER A 38 -9.95 13.44 15.90
N ASP A 39 -10.51 14.59 16.23
CA ASP A 39 -10.09 15.32 17.42
C ASP A 39 -10.75 14.74 18.67
N ASP A 40 -12.09 14.65 18.63
CA ASP A 40 -12.90 14.03 19.67
C ASP A 40 -12.46 12.64 19.97
N THR A 41 -12.10 11.90 18.94
CA THR A 41 -11.60 10.55 19.09
C THR A 41 -10.23 10.47 19.78
N GLY A 42 -9.27 11.26 19.32
CA GLY A 42 -8.01 11.50 20.06
C GLY A 42 -8.26 11.65 21.55
N VAL A 43 -9.18 12.50 21.96
CA VAL A 43 -9.25 12.83 23.37
C VAL A 43 -10.06 11.79 24.12
N ALA A 44 -11.03 11.22 23.44
CA ALA A 44 -11.78 10.13 24.04
C ALA A 44 -10.82 9.02 24.38
N ILE A 45 -9.83 8.80 23.51
CA ILE A 45 -8.84 7.78 23.75
C ILE A 45 -7.99 8.14 24.96
N LEU A 46 -7.33 9.31 24.91
CA LEU A 46 -6.48 9.76 26.02
C LEU A 46 -7.21 9.92 27.38
N VAL A 47 -8.48 10.28 27.36
CA VAL A 47 -9.22 10.38 28.60
C VAL A 47 -9.44 8.99 29.19
N ARG A 48 -9.72 7.99 28.37
CA ARG A 48 -9.84 6.63 28.91
C ARG A 48 -8.49 6.14 29.47
N LEU A 49 -7.42 6.42 28.76
CA LEU A 49 -6.10 6.08 29.25
C LEU A 49 -5.89 6.70 30.60
N PHE A 50 -6.01 8.03 30.71
CA PHE A 50 -5.65 8.74 31.96
C PHE A 50 -6.56 8.48 33.19
N VAL A 51 -7.79 8.08 32.91
CA VAL A 51 -8.78 7.81 33.94
C VAL A 51 -8.64 6.39 34.44
N ASN A 52 -8.50 5.47 33.49
CA ASN A 52 -8.50 4.04 33.75
C ASN A 52 -7.15 3.53 34.28
N PHE A 53 -6.09 4.21 33.83
CA PHE A 53 -4.69 3.94 34.19
C PHE A 53 -3.99 5.23 34.64
N PRO A 54 -4.33 5.70 35.84
CA PRO A 54 -4.02 7.06 36.28
C PRO A 54 -2.54 7.36 36.36
N SER A 55 -1.71 6.38 36.69
CA SER A 55 -0.30 6.67 36.84
C SER A 55 0.23 7.16 35.52
N SER A 56 -0.47 6.88 34.42
CA SER A 56 -0.05 7.39 33.12
C SER A 56 -0.09 8.90 33.06
N ARG A 57 -0.82 9.52 33.98
CA ARG A 57 -0.94 10.98 34.04
C ARG A 57 0.32 11.71 34.54
N GLN A 58 1.26 10.92 35.06
CA GLN A 58 2.38 11.46 35.83
C GLN A 58 3.31 12.29 35.00
N TYR A 59 3.34 12.07 33.69
CA TYR A 59 4.32 12.70 32.81
C TYR A 59 3.87 14.07 32.29
N PHE A 60 2.65 14.46 32.63
CA PHE A 60 1.99 15.62 32.04
C PHE A 60 1.78 16.69 33.11
N SER A 61 2.60 17.73 33.07
CA SER A 61 2.70 18.65 34.22
C SER A 61 1.39 19.37 34.52
N GLN A 62 0.59 19.62 33.49
CA GLN A 62 -0.57 20.46 33.69
C GLN A 62 -1.84 19.76 34.05
N PHE A 63 -1.85 18.43 34.08
CA PHE A 63 -3.03 17.67 34.56
C PHE A 63 -2.71 16.36 35.27
N LYS A 64 -1.46 16.22 35.75
CA LYS A 64 -1.06 14.99 36.43
C LYS A 64 -1.97 14.64 37.61
N HIS A 65 -2.69 15.63 38.14
CA HIS A 65 -3.49 15.43 39.34
C HIS A 65 -4.96 15.58 39.16
N ILE A 66 -5.41 15.40 37.92
CA ILE A 66 -6.81 15.54 37.57
C ILE A 66 -7.45 14.19 37.29
N GLU A 67 -8.54 13.88 37.97
CA GLU A 67 -9.18 12.58 37.81
C GLU A 67 -10.38 12.56 36.89
N GLU A 68 -10.97 13.70 36.58
CA GLU A 68 -12.32 13.68 36.01
C GLU A 68 -12.32 13.91 34.52
N PRO A 69 -13.03 13.07 33.79
CA PRO A 69 -13.06 13.27 32.34
C PRO A 69 -13.40 14.70 31.88
N GLU A 70 -14.41 15.34 32.48
CA GLU A 70 -14.81 16.70 32.04
C GLU A 70 -13.69 17.70 32.29
N GLU A 71 -12.94 17.51 33.37
CA GLU A 71 -11.75 18.33 33.61
C GLU A 71 -10.68 18.01 32.59
N LEU A 72 -10.48 16.73 32.28
CA LEU A 72 -9.35 16.37 31.43
C LEU A 72 -9.58 16.82 30.01
N GLU A 73 -10.82 16.74 29.53
CA GLU A 73 -11.05 17.09 28.14
C GLU A 73 -10.89 18.57 27.87
N ARG A 74 -10.91 19.37 28.92
CA ARG A 74 -10.62 20.79 28.78
C ARG A 74 -9.13 21.19 28.91
N SER A 75 -8.22 20.24 29.08
CA SER A 75 -6.82 20.58 29.22
C SER A 75 -6.20 20.84 27.85
N ALA A 76 -5.54 21.97 27.72
CA ALA A 76 -4.95 22.32 26.46
C ALA A 76 -3.85 21.31 26.14
N GLN A 77 -3.15 20.86 27.18
CA GLN A 77 -2.00 19.98 27.04
C GLN A 77 -2.46 18.60 26.62
N LEU A 78 -3.50 18.10 27.28
CA LEU A 78 -4.12 16.84 26.90
C LEU A 78 -4.46 16.89 25.42
N ARG A 79 -5.22 17.91 25.03
CA ARG A 79 -5.76 17.98 23.67
C ARG A 79 -4.66 18.02 22.60
N LYS A 80 -3.61 18.81 22.83
CA LYS A 80 -2.54 18.87 21.86
C LYS A 80 -1.93 17.52 21.71
N HIS A 81 -1.65 16.85 22.82
CA HIS A 81 -1.08 15.52 22.73
C HIS A 81 -1.99 14.52 22.05
N ALA A 82 -3.29 14.68 22.28
CA ALA A 82 -4.27 13.81 21.70
C ALA A 82 -4.23 14.00 20.19
N ASN A 83 -3.94 15.23 19.81
CA ASN A 83 -3.84 15.54 18.40
C ASN A 83 -2.60 14.93 17.78
N ARG A 84 -1.49 15.02 18.51
CA ARG A 84 -0.22 14.41 18.12
C ARG A 84 -0.30 12.91 18.00
N VAL A 85 -1.06 12.29 18.88
CA VAL A 85 -1.19 10.84 18.85
C VAL A 85 -1.81 10.42 17.52
N MET A 86 -2.83 11.17 17.11
CA MET A 86 -3.66 10.78 16.00
C MET A 86 -2.90 11.01 14.73
N ASN A 87 -2.19 12.12 14.68
CA ASN A 87 -1.35 12.38 13.53
C ASN A 87 -0.30 11.33 13.37
N GLY A 88 0.30 10.94 14.50
CA GLY A 88 1.18 9.77 14.58
C GLY A 88 0.57 8.53 13.94
N LEU A 89 -0.58 8.10 14.43
CA LEU A 89 -1.26 6.94 13.85
C LEU A 89 -1.49 7.13 12.34
N ASN A 90 -1.92 8.33 11.97
CA ASN A 90 -2.22 8.60 10.58
C ASN A 90 -1.03 8.39 9.71
N THR A 91 0.11 8.89 10.18
CA THR A 91 1.37 8.71 9.49
C THR A 91 1.65 7.22 9.37
N LEU A 92 1.47 6.49 10.47
CA LEU A 92 1.73 5.06 10.46
C LEU A 92 0.83 4.34 9.47
N VAL A 93 -0.39 4.85 9.29
CA VAL A 93 -1.34 4.20 8.37
C VAL A 93 -1.10 4.58 6.91
N GLU A 94 -0.84 5.85 6.65
CA GLU A 94 -0.42 6.28 5.33
C GLU A 94 0.75 5.43 4.86
N SER A 95 1.54 4.94 5.82
CA SER A 95 2.86 4.43 5.53
C SER A 95 2.99 2.93 5.64
N LEU A 96 1.87 2.26 5.88
CA LEU A 96 1.85 0.80 6.05
C LEU A 96 2.63 -0.01 5.03
N ASP A 97 2.60 0.38 3.76
CA ASP A 97 3.26 -0.41 2.73
C ASP A 97 4.74 -0.14 2.58
N ASN A 98 5.26 0.80 3.36
CA ASN A 98 6.67 1.18 3.37
C ASN A 98 7.27 0.94 4.75
N SER A 99 8.06 -0.12 4.88
CA SER A 99 8.33 -0.65 6.20
C SER A 99 9.57 -0.05 6.79
N GLU A 100 10.42 0.49 5.92
CA GLU A 100 11.52 1.27 6.39
C GLU A 100 10.98 2.52 7.07
N LYS A 101 9.95 3.11 6.48
CA LYS A 101 9.42 4.35 7.02
C LYS A 101 8.69 4.16 8.34
N VAL A 102 7.95 3.08 8.51
CA VAL A 102 7.36 2.84 9.82
C VAL A 102 8.49 2.63 10.80
N ALA A 103 9.55 1.98 10.38
CA ALA A 103 10.70 1.79 11.26
C ALA A 103 11.27 3.12 11.76
N SER A 104 11.38 4.14 10.90
CA SER A 104 11.99 5.39 11.35
C SER A 104 11.03 6.15 12.22
N VAL A 105 9.74 5.96 11.99
CA VAL A 105 8.73 6.71 12.74
C VAL A 105 8.74 6.19 14.15
N LEU A 106 8.75 4.88 14.27
CA LEU A 106 8.76 4.28 15.57
C LEU A 106 10.07 4.59 16.24
N LYS A 107 11.14 4.65 15.46
CA LYS A 107 12.44 5.00 16.03
C LYS A 107 12.39 6.41 16.67
N LEU A 108 11.86 7.38 15.93
CA LEU A 108 11.79 8.75 16.38
C LEU A 108 10.96 8.87 17.63
N LEU A 109 9.78 8.30 17.56
CA LEU A 109 8.87 8.24 18.69
C LEU A 109 9.55 7.71 19.92
N GLY A 110 10.11 6.50 19.78
CA GLY A 110 10.62 5.75 20.90
C GLY A 110 11.76 6.47 21.57
N LYS A 111 12.62 7.07 20.74
CA LYS A 111 13.70 7.90 21.26
C LYS A 111 13.12 9.02 22.11
N ALA A 112 12.31 9.90 21.52
CA ALA A 112 11.76 11.05 22.23
C ALA A 112 11.14 10.65 23.57
N HIS A 113 10.31 9.61 23.54
CA HIS A 113 9.53 9.29 24.73
C HIS A 113 10.44 8.61 25.73
N ALA A 114 11.44 7.91 25.25
CA ALA A 114 12.41 7.35 26.14
C ALA A 114 13.24 8.48 26.74
N LEU A 115 13.86 9.29 25.90
CA LEU A 115 14.95 10.14 26.34
C LEU A 115 14.44 11.47 26.85
N ARG A 116 13.63 12.14 26.04
CA ARG A 116 13.10 13.45 26.38
C ARG A 116 11.97 13.37 27.46
N HIS A 117 11.02 12.46 27.31
CA HIS A 117 9.87 12.41 28.23
C HIS A 117 9.92 11.36 29.30
N LYS A 118 10.77 10.36 29.11
CA LYS A 118 11.00 9.36 30.15
C LYS A 118 9.74 8.59 30.49
N VAL A 119 8.97 8.27 29.46
CA VAL A 119 7.79 7.47 29.64
C VAL A 119 8.07 5.95 29.72
N GLU A 120 7.70 5.32 30.82
CA GLU A 120 7.69 3.87 30.89
C GLU A 120 7.04 3.24 29.64
N PRO A 121 7.76 2.35 28.95
CA PRO A 121 7.23 1.70 27.77
C PRO A 121 5.94 0.94 27.96
N VAL A 122 5.62 0.55 29.18
CA VAL A 122 4.35 -0.17 29.44
C VAL A 122 3.14 0.62 28.99
N TYR A 123 3.23 1.95 29.03
CA TYR A 123 2.09 2.79 28.73
C TYR A 123 1.81 2.76 27.24
N PHE A 124 2.82 2.54 26.43
CA PHE A 124 2.55 2.39 25.00
C PHE A 124 1.69 1.17 24.78
N LYS A 125 1.97 0.12 25.53
CA LYS A 125 1.18 -1.11 25.40
C LYS A 125 -0.25 -0.83 25.79
N ILE A 126 -0.42 -0.23 26.98
CA ILE A 126 -1.72 0.05 27.54
C ILE A 126 -2.53 0.97 26.63
N LEU A 127 -1.85 1.92 26.02
CA LEU A 127 -2.50 2.76 25.05
C LEU A 127 -3.06 1.92 23.90
N SER A 128 -2.25 1.02 23.32
CA SER A 128 -2.71 0.14 22.22
C SER A 128 -4.02 -0.54 22.56
N GLY A 129 -4.06 -1.11 23.78
CA GLY A 129 -5.30 -1.57 24.43
C GLY A 129 -6.48 -0.61 24.29
N VAL A 130 -6.31 0.62 24.77
CA VAL A 130 -7.37 1.62 24.80
C VAL A 130 -7.87 2.03 23.40
N ILE A 131 -6.94 2.22 22.48
CA ILE A 131 -7.29 2.50 21.08
C ILE A 131 -8.30 1.50 20.51
N LEU A 132 -8.01 0.22 20.59
CA LEU A 132 -9.03 -0.78 20.23
C LEU A 132 -10.32 -0.46 20.95
N GLU A 133 -10.25 -0.49 22.29
CA GLU A 133 -11.43 -0.42 23.14
C GLU A 133 -12.33 0.71 22.67
N VAL A 134 -11.75 1.87 22.41
CA VAL A 134 -12.49 3.06 22.02
C VAL A 134 -12.91 3.10 20.55
N LEU A 135 -12.00 2.74 19.64
CA LEU A 135 -12.37 2.52 18.26
C LEU A 135 -13.59 1.61 18.08
N GLY A 136 -13.56 0.44 18.70
CA GLY A 136 -14.62 -0.54 18.52
C GLY A 136 -15.75 -0.30 19.48
N GLU A 137 -15.90 0.96 19.91
CA GLU A 137 -17.04 1.39 20.70
C GLU A 137 -17.63 2.64 20.05
N ALA A 138 -16.78 3.63 19.78
CA ALA A 138 -17.17 4.81 19.03
C ALA A 138 -17.51 4.52 17.57
N PHE A 139 -16.85 3.55 16.96
CA PHE A 139 -17.01 3.30 15.52
C PHE A 139 -17.38 1.85 15.23
N SER A 140 -18.23 1.26 16.05
CA SER A 140 -18.51 -0.17 15.94
C SER A 140 -19.14 -0.60 14.59
N GLU A 141 -19.82 0.27 13.90
CA GLU A 141 -20.39 -0.17 12.65
C GLU A 141 -19.35 -0.35 11.55
N VAL A 142 -18.08 -0.29 11.93
CA VAL A 142 -16.98 -0.35 11.00
C VAL A 142 -15.91 -1.29 11.47
N VAL A 143 -15.73 -1.34 12.77
CA VAL A 143 -14.75 -2.19 13.38
C VAL A 143 -15.36 -3.51 13.71
N THR A 144 -15.41 -4.36 12.72
CA THR A 144 -15.98 -5.68 12.85
C THR A 144 -14.94 -6.56 13.52
N PRO A 145 -15.33 -7.75 13.98
CA PRO A 145 -14.35 -8.66 14.61
C PRO A 145 -13.10 -8.77 13.77
N GLU A 146 -13.33 -8.83 12.47
CA GLU A 146 -12.28 -9.00 11.50
C GLU A 146 -11.38 -7.77 11.45
N VAL A 147 -11.99 -6.59 11.37
CA VAL A 147 -11.19 -5.35 11.31
C VAL A 147 -10.41 -5.17 12.60
N ALA A 148 -11.02 -5.45 13.74
CA ALA A 148 -10.34 -5.39 15.04
C ALA A 148 -9.08 -6.26 15.13
N ALA A 149 -9.14 -7.44 14.52
CA ALA A 149 -7.99 -8.36 14.53
C ALA A 149 -6.80 -7.77 13.79
N ALA A 150 -7.10 -6.98 12.76
CA ALA A 150 -6.04 -6.37 11.97
C ALA A 150 -5.39 -5.26 12.78
N TRP A 151 -6.21 -4.36 13.30
CA TRP A 151 -5.74 -3.33 14.19
C TRP A 151 -4.92 -3.87 15.36
N THR A 152 -5.41 -4.92 16.02
CA THR A 152 -4.56 -5.68 16.93
C THR A 152 -3.13 -5.95 16.38
N LYS A 153 -3.03 -6.57 15.19
CA LYS A 153 -1.73 -6.94 14.64
C LYS A 153 -0.86 -5.72 14.47
N LEU A 154 -1.47 -4.65 13.97
CA LEU A 154 -0.79 -3.40 13.74
C LEU A 154 -0.24 -2.82 15.03
N LEU A 155 -1.13 -2.62 16.02
CA LEU A 155 -0.74 -2.05 17.29
C LEU A 155 0.27 -2.92 18.06
N ALA A 156 0.27 -4.22 17.83
CA ALA A 156 1.30 -5.05 18.46
C ALA A 156 2.60 -4.74 17.77
N THR A 157 2.53 -4.41 16.49
CA THR A 157 3.72 -4.09 15.73
C THR A 157 4.33 -2.78 16.20
N ILE A 158 3.53 -1.73 16.17
CA ILE A 158 3.84 -0.48 16.84
C ILE A 158 4.46 -0.71 18.20
N TYR A 159 3.80 -1.43 19.09
CA TYR A 159 4.33 -1.56 20.43
C TYR A 159 5.66 -2.34 20.45
N SER A 160 5.80 -3.28 19.55
CA SER A 160 6.97 -4.12 19.50
C SER A 160 8.19 -3.30 19.06
N GLY A 161 8.02 -2.46 18.05
CA GLY A 161 9.11 -1.61 17.53
C GLY A 161 9.54 -0.50 18.46
N ILE A 162 8.56 0.03 19.20
CA ILE A 162 8.82 0.98 20.25
C ILE A 162 9.73 0.36 21.31
N ASN A 163 9.32 -0.79 21.84
CA ASN A 163 10.17 -1.50 22.77
C ASN A 163 11.57 -1.80 22.25
N ALA A 164 11.68 -2.15 20.98
CA ALA A 164 12.99 -2.44 20.37
C ALA A 164 13.92 -1.21 20.45
N VAL A 165 13.38 -0.03 20.10
CA VAL A 165 14.05 1.24 20.25
C VAL A 165 14.39 1.54 21.71
N TYR A 166 13.43 1.39 22.61
CA TYR A 166 13.71 1.58 24.03
C TYR A 166 14.95 0.80 24.47
N GLU A 167 15.11 -0.44 24.03
CA GLU A 167 16.31 -1.21 24.39
C GLU A 167 17.55 -0.69 23.69
N GLU A 168 17.47 -0.40 22.40
CA GLU A 168 18.60 0.19 21.69
C GLU A 168 19.16 1.39 22.47
N VAL A 169 18.31 1.99 23.27
CA VAL A 169 18.54 3.29 23.83
C VAL A 169 19.11 3.15 25.23
N GLY A 170 18.80 2.03 25.87
CA GLY A 170 19.40 1.66 27.15
C GLY A 170 18.41 1.52 28.29
N TRP A 171 17.17 1.19 27.97
CA TRP A 171 16.13 0.98 28.97
C TRP A 171 16.01 -0.53 29.15
N SER A 172 16.27 -1.04 30.35
CA SER A 172 16.05 -2.47 30.63
C SER A 172 15.29 -2.67 31.94
N SER B 17 -11.03 7.94 -12.81
CA SER B 17 -12.26 8.17 -13.61
C SER B 17 -12.00 7.82 -15.06
N PRO B 18 -11.15 8.62 -15.73
CA PRO B 18 -11.52 9.01 -17.08
C PRO B 18 -11.65 7.83 -18.10
N LEU B 19 -12.19 6.67 -17.67
CA LEU B 19 -12.49 5.53 -18.57
C LEU B 19 -14.00 5.30 -18.73
N THR B 20 -14.60 5.85 -19.78
CA THR B 20 -16.05 5.73 -19.96
C THR B 20 -16.44 4.29 -20.14
N ASP B 21 -17.73 4.01 -20.03
CA ASP B 21 -18.23 2.66 -20.21
C ASP B 21 -18.00 2.25 -21.65
N LYS B 22 -18.15 3.17 -22.59
CA LYS B 22 -17.89 2.81 -23.98
C LYS B 22 -16.43 2.42 -24.13
N GLU B 23 -15.56 3.10 -23.40
CA GLU B 23 -14.13 2.83 -23.50
C GLU B 23 -13.82 1.45 -22.90
N ARG B 24 -14.34 1.19 -21.70
CA ARG B 24 -14.23 -0.13 -21.06
C ARG B 24 -14.59 -1.25 -22.02
N VAL B 25 -15.63 -1.06 -22.83
CA VAL B 25 -16.18 -2.17 -23.61
C VAL B 25 -15.46 -2.28 -24.93
N MET B 26 -14.95 -1.19 -25.45
CA MET B 26 -14.08 -1.31 -26.61
C MET B 26 -12.84 -2.13 -26.25
N ILE B 27 -12.40 -2.03 -25.00
CA ILE B 27 -11.20 -2.71 -24.58
C ILE B 27 -11.50 -4.19 -24.42
N GLN B 28 -12.54 -4.48 -23.66
CA GLN B 28 -12.96 -5.86 -23.42
C GLN B 28 -13.36 -6.57 -24.70
N ASP B 29 -13.87 -5.84 -25.68
CA ASP B 29 -14.22 -6.44 -26.96
C ASP B 29 -12.96 -6.86 -27.73
N SER B 30 -12.04 -5.91 -27.89
CA SER B 30 -10.78 -6.18 -28.59
C SER B 30 -9.85 -7.12 -27.80
N TRP B 31 -9.96 -7.12 -26.47
CA TRP B 31 -9.16 -8.05 -25.70
C TRP B 31 -9.63 -9.48 -25.93
N ALA B 32 -10.94 -9.69 -25.97
CA ALA B 32 -11.46 -11.02 -26.26
C ALA B 32 -10.78 -11.62 -27.49
N LYS B 33 -10.56 -10.83 -28.54
CA LYS B 33 -9.96 -11.36 -29.77
C LYS B 33 -8.51 -11.67 -29.49
N VAL B 34 -7.83 -10.74 -28.87
CA VAL B 34 -6.40 -10.91 -28.59
C VAL B 34 -6.13 -12.12 -27.69
N TYR B 35 -6.97 -12.34 -26.69
CA TYR B 35 -6.73 -13.39 -25.70
C TYR B 35 -6.80 -14.78 -26.32
N GLU B 36 -7.56 -14.91 -27.41
CA GLU B 36 -7.66 -16.16 -28.16
C GLU B 36 -6.33 -16.59 -28.79
N ASN B 37 -5.47 -15.65 -29.17
CA ASN B 37 -4.05 -15.96 -29.40
C ASN B 37 -3.12 -15.35 -28.32
N SER B 38 -3.39 -15.68 -27.07
CA SER B 38 -2.60 -15.15 -25.95
C SER B 38 -1.11 -15.55 -26.03
N ASP B 39 -0.83 -16.84 -26.24
CA ASP B 39 0.53 -17.34 -26.09
C ASP B 39 1.51 -16.64 -27.03
N ASP B 40 1.19 -16.62 -28.32
CA ASP B 40 2.06 -15.98 -29.29
C ASP B 40 2.17 -14.47 -29.13
N THR B 41 1.12 -13.84 -28.62
CA THR B 41 1.11 -12.40 -28.50
C THR B 41 1.91 -12.00 -27.27
N GLY B 42 1.64 -12.65 -26.15
CA GLY B 42 2.52 -12.51 -24.98
C GLY B 42 4.00 -12.42 -25.32
N VAL B 43 4.47 -13.34 -26.14
CA VAL B 43 5.89 -13.36 -26.44
C VAL B 43 6.29 -12.32 -27.50
N ALA B 44 5.43 -12.04 -28.47
CA ALA B 44 5.78 -11.02 -29.44
C ALA B 44 6.06 -9.69 -28.69
N ILE B 45 5.30 -9.50 -27.62
CA ILE B 45 5.38 -8.31 -26.79
C ILE B 45 6.68 -8.34 -26.03
N LEU B 46 6.91 -9.39 -25.26
CA LEU B 46 8.11 -9.44 -24.44
C LEU B 46 9.33 -9.35 -25.32
N VAL B 47 9.36 -10.12 -26.39
CA VAL B 47 10.46 -10.05 -27.36
C VAL B 47 10.70 -8.64 -27.86
N ARG B 48 9.65 -7.92 -28.26
CA ARG B 48 9.86 -6.53 -28.70
C ARG B 48 10.50 -5.66 -27.61
N LEU B 49 10.00 -5.78 -26.39
CA LEU B 49 10.54 -5.04 -25.26
C LEU B 49 12.01 -5.32 -25.16
N PHE B 50 12.34 -6.60 -25.12
CA PHE B 50 13.70 -7.03 -24.82
C PHE B 50 14.69 -6.78 -25.97
N VAL B 51 14.22 -6.62 -27.20
CA VAL B 51 15.14 -6.27 -28.24
C VAL B 51 15.30 -4.74 -28.27
N ASN B 52 14.18 -4.05 -28.31
CA ASN B 52 14.19 -2.62 -28.53
C ASN B 52 14.74 -1.83 -27.36
N PHE B 53 14.81 -2.48 -26.18
CA PHE B 53 15.20 -1.91 -24.86
C PHE B 53 15.91 -2.97 -24.06
N PRO B 54 17.18 -3.23 -24.42
CA PRO B 54 17.91 -4.40 -23.98
C PRO B 54 18.07 -4.51 -22.50
N SER B 55 18.06 -3.39 -21.79
CA SER B 55 18.42 -3.46 -20.38
C SER B 55 17.27 -3.98 -19.57
N SER B 56 16.08 -4.05 -20.16
CA SER B 56 14.98 -4.79 -19.54
C SER B 56 15.32 -6.26 -19.22
N ARG B 57 16.23 -6.86 -19.97
CA ARG B 57 16.56 -8.28 -19.76
C ARG B 57 17.29 -8.56 -18.44
N GLN B 58 17.83 -7.51 -17.84
CA GLN B 58 18.83 -7.68 -16.80
C GLN B 58 18.26 -8.46 -15.59
N TYR B 59 16.95 -8.39 -15.41
CA TYR B 59 16.33 -9.04 -14.26
C TYR B 59 16.05 -10.54 -14.50
N PHE B 60 16.39 -11.05 -15.69
CA PHE B 60 16.03 -12.42 -16.06
C PHE B 60 17.27 -13.29 -16.31
N SER B 61 17.59 -14.09 -15.30
CA SER B 61 18.89 -14.76 -15.22
C SER B 61 19.17 -15.64 -16.41
N GLN B 62 18.17 -16.33 -16.95
CA GLN B 62 18.41 -17.24 -18.07
C GLN B 62 18.45 -16.62 -19.47
N PHE B 63 18.17 -15.33 -19.64
CA PHE B 63 18.37 -14.77 -20.98
C PHE B 63 18.86 -13.33 -20.95
N LYS B 64 19.46 -12.92 -19.86
CA LYS B 64 19.93 -11.55 -19.80
C LYS B 64 20.89 -11.25 -20.93
N HIS B 65 21.68 -12.22 -21.37
CA HIS B 65 22.63 -11.87 -22.41
C HIS B 65 22.23 -12.23 -23.83
N ILE B 66 20.96 -12.53 -24.04
CA ILE B 66 20.49 -12.97 -25.33
C ILE B 66 19.87 -11.83 -26.11
N GLU B 67 20.33 -11.65 -27.34
CA GLU B 67 19.97 -10.51 -28.16
C GLU B 67 18.98 -10.86 -29.22
N GLU B 68 18.95 -12.11 -29.66
CA GLU B 68 18.20 -12.39 -30.88
C GLU B 68 16.78 -12.87 -30.65
N PRO B 69 15.85 -12.30 -31.41
CA PRO B 69 14.46 -12.77 -31.38
C PRO B 69 14.32 -14.30 -31.51
N GLU B 70 14.95 -14.89 -32.52
CA GLU B 70 14.89 -16.34 -32.75
C GLU B 70 15.13 -17.09 -31.44
N GLU B 71 16.11 -16.64 -30.69
CA GLU B 71 16.49 -17.29 -29.44
C GLU B 71 15.59 -16.89 -28.26
N LEU B 72 15.20 -15.62 -28.20
CA LEU B 72 14.52 -15.17 -27.04
C LEU B 72 13.20 -15.86 -26.92
N GLU B 73 12.52 -16.10 -28.03
CA GLU B 73 11.18 -16.67 -27.95
C GLU B 73 11.19 -18.16 -27.60
N ARG B 74 12.38 -18.76 -27.63
CA ARG B 74 12.53 -20.16 -27.31
C ARG B 74 12.88 -20.38 -25.85
N SER B 75 13.05 -19.28 -25.11
CA SER B 75 13.34 -19.33 -23.68
C SER B 75 12.15 -19.65 -22.85
N ALA B 76 12.19 -20.73 -22.11
CA ALA B 76 11.14 -21.05 -21.13
C ALA B 76 10.75 -19.90 -20.21
N GLN B 77 11.73 -19.12 -19.76
CA GLN B 77 11.52 -18.18 -18.68
C GLN B 77 10.86 -16.93 -19.23
N LEU B 78 11.29 -16.54 -20.44
CA LEU B 78 10.64 -15.51 -21.23
C LEU B 78 9.19 -15.89 -21.38
N ARG B 79 8.93 -17.14 -21.75
CA ARG B 79 7.60 -17.62 -22.01
C ARG B 79 6.74 -17.70 -20.78
N LYS B 80 7.26 -18.14 -19.63
CA LYS B 80 6.43 -18.15 -18.41
C LYS B 80 5.95 -16.74 -18.27
N HIS B 81 6.91 -15.81 -18.25
CA HIS B 81 6.61 -14.43 -17.91
C HIS B 81 5.65 -13.78 -18.93
N ALA B 82 5.85 -14.09 -20.20
CA ALA B 82 4.92 -13.68 -21.24
C ALA B 82 3.50 -14.10 -20.83
N ASN B 83 3.35 -15.35 -20.45
CA ASN B 83 2.07 -15.84 -20.01
C ASN B 83 1.52 -15.06 -18.82
N ARG B 84 2.39 -14.79 -17.87
CA ARG B 84 1.99 -14.09 -16.67
C ARG B 84 1.48 -12.71 -17.00
N VAL B 85 2.11 -12.06 -17.98
CA VAL B 85 1.73 -10.69 -18.32
C VAL B 85 0.37 -10.71 -18.96
N MET B 86 0.17 -11.65 -19.86
CA MET B 86 -1.08 -11.80 -20.55
C MET B 86 -2.18 -12.06 -19.56
N ASN B 87 -1.93 -12.90 -18.56
CA ASN B 87 -2.95 -13.12 -17.53
C ASN B 87 -3.09 -11.93 -16.62
N GLY B 88 -1.98 -11.28 -16.32
CA GLY B 88 -2.04 -10.04 -15.55
C GLY B 88 -3.00 -9.08 -16.21
N LEU B 89 -2.80 -8.84 -17.50
CA LEU B 89 -3.67 -7.95 -18.23
C LEU B 89 -5.12 -8.45 -18.23
N ASN B 90 -5.30 -9.73 -18.44
CA ASN B 90 -6.63 -10.27 -18.56
C ASN B 90 -7.41 -10.04 -17.27
N THR B 91 -6.78 -10.26 -16.12
CA THR B 91 -7.46 -9.99 -14.87
C THR B 91 -7.93 -8.53 -14.90
N LEU B 92 -7.02 -7.64 -15.27
CA LEU B 92 -7.28 -6.22 -15.19
C LEU B 92 -8.45 -5.82 -16.09
N VAL B 93 -8.54 -6.47 -17.24
CA VAL B 93 -9.52 -6.11 -18.22
C VAL B 93 -10.87 -6.63 -17.76
N GLU B 94 -10.86 -7.87 -17.28
CA GLU B 94 -12.04 -8.44 -16.65
C GLU B 94 -12.54 -7.64 -15.43
N SER B 95 -11.69 -6.83 -14.82
CA SER B 95 -12.04 -6.19 -13.57
C SER B 95 -12.36 -4.71 -13.73
N LEU B 96 -12.39 -4.24 -14.97
CA LEU B 96 -12.44 -2.80 -15.25
C LEU B 96 -13.62 -2.04 -14.66
N ASP B 97 -14.72 -2.71 -14.34
CA ASP B 97 -15.86 -2.02 -13.72
C ASP B 97 -15.81 -2.18 -12.22
N ASN B 98 -14.60 -2.39 -11.68
CA ASN B 98 -14.42 -2.56 -10.24
C ASN B 98 -13.13 -1.91 -9.73
N SER B 99 -13.14 -0.58 -9.63
CA SER B 99 -12.00 0.18 -9.16
C SER B 99 -11.23 -0.48 -8.03
N GLU B 100 -11.93 -0.92 -6.99
CA GLU B 100 -11.27 -1.45 -5.79
C GLU B 100 -10.38 -2.60 -6.22
N LYS B 101 -10.84 -3.33 -7.22
CA LYS B 101 -10.18 -4.56 -7.66
C LYS B 101 -8.98 -4.21 -8.54
N VAL B 102 -9.17 -3.39 -9.56
CA VAL B 102 -8.03 -3.00 -10.38
C VAL B 102 -6.95 -2.39 -9.48
N ALA B 103 -7.36 -1.65 -8.45
CA ALA B 103 -6.42 -1.02 -7.55
C ALA B 103 -5.63 -2.06 -6.77
N SER B 104 -6.31 -3.09 -6.30
CA SER B 104 -5.65 -4.09 -5.48
C SER B 104 -4.82 -4.97 -6.36
N VAL B 105 -5.27 -5.18 -7.61
CA VAL B 105 -4.48 -5.95 -8.57
C VAL B 105 -3.19 -5.22 -8.87
N LEU B 106 -3.29 -3.94 -9.23
CA LEU B 106 -2.11 -3.12 -9.48
C LEU B 106 -1.20 -3.17 -8.26
N LYS B 107 -1.79 -3.04 -7.08
CA LYS B 107 -1.01 -2.90 -5.86
C LYS B 107 -0.11 -4.09 -5.66
N LEU B 108 -0.64 -5.30 -5.92
CA LEU B 108 0.13 -6.54 -5.78
C LEU B 108 1.24 -6.63 -6.80
N LEU B 109 0.90 -6.33 -8.04
CA LEU B 109 1.89 -6.28 -9.08
C LEU B 109 3.06 -5.40 -8.68
N GLY B 110 2.76 -4.18 -8.26
CA GLY B 110 3.77 -3.20 -7.91
C GLY B 110 4.61 -3.67 -6.74
N LYS B 111 3.95 -4.04 -5.65
CA LYS B 111 4.68 -4.54 -4.49
C LYS B 111 5.60 -5.69 -4.89
N ALA B 112 5.09 -6.64 -5.67
CA ALA B 112 5.92 -7.78 -6.00
C ALA B 112 7.14 -7.29 -6.75
N HIS B 113 6.93 -6.49 -7.80
CA HIS B 113 8.05 -6.10 -8.66
C HIS B 113 9.03 -5.08 -8.07
N ALA B 114 8.50 -4.17 -7.25
CA ALA B 114 9.34 -3.22 -6.54
C ALA B 114 10.20 -3.91 -5.48
N LEU B 115 9.61 -4.85 -4.75
CA LEU B 115 10.26 -5.36 -3.55
C LEU B 115 10.87 -6.73 -3.72
N ARG B 116 10.27 -7.56 -4.57
CA ARG B 116 10.74 -8.93 -4.76
C ARG B 116 11.76 -8.97 -5.91
N HIS B 117 11.49 -8.28 -7.00
CA HIS B 117 12.34 -8.36 -8.20
C HIS B 117 13.12 -7.07 -8.49
N LYS B 118 12.94 -6.04 -7.67
CA LYS B 118 13.68 -4.80 -7.86
C LYS B 118 13.67 -4.26 -9.31
N VAL B 119 12.50 -4.19 -9.92
CA VAL B 119 12.37 -3.69 -11.29
C VAL B 119 12.15 -2.18 -11.35
N GLU B 120 13.09 -1.46 -11.97
CA GLU B 120 12.92 -0.02 -12.21
C GLU B 120 11.56 0.25 -12.82
N PRO B 121 10.76 1.15 -12.23
CA PRO B 121 9.40 1.24 -12.74
C PRO B 121 9.34 1.81 -14.15
N VAL B 122 10.35 2.55 -14.58
CA VAL B 122 10.40 2.97 -15.99
C VAL B 122 10.08 1.82 -16.98
N TYR B 123 10.45 0.59 -16.65
CA TYR B 123 10.14 -0.54 -17.50
C TYR B 123 8.65 -0.81 -17.69
N PHE B 124 7.82 -0.55 -16.68
CA PHE B 124 6.37 -0.67 -16.87
C PHE B 124 5.88 0.35 -17.90
N LYS B 125 6.43 1.55 -17.90
CA LYS B 125 5.98 2.54 -18.85
C LYS B 125 6.38 2.16 -20.25
N ILE B 126 7.62 1.72 -20.39
CA ILE B 126 8.11 1.19 -21.65
C ILE B 126 7.22 0.03 -22.09
N LEU B 127 6.96 -0.92 -21.20
CA LEU B 127 6.13 -2.05 -21.57
C LEU B 127 4.78 -1.58 -22.12
N SER B 128 4.14 -0.63 -21.43
CA SER B 128 2.95 0.04 -21.94
C SER B 128 3.00 0.42 -23.41
N GLY B 129 3.98 1.22 -23.82
CA GLY B 129 4.13 1.56 -25.21
C GLY B 129 4.28 0.36 -26.12
N VAL B 130 5.02 -0.64 -25.66
CA VAL B 130 5.30 -1.82 -26.47
C VAL B 130 4.04 -2.66 -26.69
N ILE B 131 3.33 -2.96 -25.61
CA ILE B 131 2.05 -3.66 -25.70
C ILE B 131 1.18 -3.07 -26.81
N LEU B 132 0.97 -1.76 -26.75
CA LEU B 132 0.12 -1.11 -27.70
C LEU B 132 0.74 -1.16 -29.09
N GLU B 133 2.04 -0.99 -29.18
CA GLU B 133 2.68 -1.03 -30.48
C GLU B 133 2.39 -2.34 -31.18
N VAL B 134 2.32 -3.42 -30.42
CA VAL B 134 2.25 -4.77 -30.98
C VAL B 134 0.83 -5.24 -31.21
N LEU B 135 -0.11 -4.72 -30.44
CA LEU B 135 -1.53 -4.99 -30.70
C LEU B 135 -1.90 -4.27 -31.99
N GLY B 136 -1.34 -3.10 -32.23
CA GLY B 136 -1.45 -2.46 -33.55
C GLY B 136 -1.03 -3.36 -34.72
N GLU B 137 0.16 -3.90 -34.68
CA GLU B 137 0.64 -4.66 -35.80
C GLU B 137 -0.08 -5.99 -35.91
N ALA B 138 -0.31 -6.64 -34.78
CA ALA B 138 -0.79 -8.01 -34.83
C ALA B 138 -2.31 -8.11 -35.05
N PHE B 139 -3.03 -7.00 -34.84
CA PHE B 139 -4.49 -7.02 -34.80
C PHE B 139 -5.07 -5.73 -35.40
N SER B 140 -4.42 -5.21 -36.44
CA SER B 140 -4.75 -3.88 -37.00
C SER B 140 -6.23 -3.73 -37.32
N GLU B 141 -6.88 -4.82 -37.72
CA GLU B 141 -8.30 -4.78 -38.03
C GLU B 141 -9.11 -4.46 -36.78
N VAL B 142 -8.95 -5.28 -35.75
CA VAL B 142 -9.61 -5.10 -34.45
C VAL B 142 -9.29 -3.77 -33.77
N VAL B 143 -8.04 -3.33 -33.88
CA VAL B 143 -7.55 -2.16 -33.15
C VAL B 143 -7.59 -0.92 -34.02
N THR B 144 -8.75 -0.27 -34.04
CA THR B 144 -8.94 0.94 -34.81
C THR B 144 -8.42 2.17 -34.00
N PRO B 145 -8.43 3.37 -34.60
CA PRO B 145 -7.94 4.53 -33.81
C PRO B 145 -8.74 4.79 -32.54
N GLU B 146 -10.04 4.54 -32.61
CA GLU B 146 -10.92 4.71 -31.47
C GLU B 146 -10.44 3.78 -30.38
N VAL B 147 -10.22 2.52 -30.75
CA VAL B 147 -9.84 1.49 -29.79
C VAL B 147 -8.42 1.67 -29.29
N ALA B 148 -7.51 2.06 -30.17
CA ALA B 148 -6.14 2.40 -29.78
C ALA B 148 -6.16 3.44 -28.68
N ALA B 149 -6.96 4.48 -28.88
CA ALA B 149 -7.03 5.62 -27.92
C ALA B 149 -7.43 5.16 -26.52
N ALA B 150 -8.30 4.14 -26.48
CA ALA B 150 -8.84 3.60 -25.26
C ALA B 150 -7.76 2.85 -24.52
N TRP B 151 -7.02 2.00 -25.23
CA TRP B 151 -5.93 1.25 -24.63
C TRP B 151 -4.89 2.18 -24.07
N THR B 152 -4.58 3.23 -24.83
CA THR B 152 -3.70 4.27 -24.35
C THR B 152 -4.13 4.82 -22.97
N LYS B 153 -5.42 5.11 -22.77
CA LYS B 153 -5.89 5.56 -21.45
C LYS B 153 -5.61 4.49 -20.43
N LEU B 154 -6.10 3.29 -20.73
CA LEU B 154 -5.99 2.17 -19.81
C LEU B 154 -4.54 1.96 -19.38
N LEU B 155 -3.67 1.91 -20.39
CA LEU B 155 -2.29 1.56 -20.16
C LEU B 155 -1.60 2.63 -19.32
N ALA B 156 -1.89 3.89 -19.59
CA ALA B 156 -1.38 4.97 -18.74
C ALA B 156 -1.92 4.85 -17.31
N THR B 157 -3.16 4.42 -17.17
CA THR B 157 -3.76 4.32 -15.86
C THR B 157 -3.02 3.28 -15.06
N ILE B 158 -2.63 2.22 -15.75
CA ILE B 158 -1.86 1.15 -15.15
C ILE B 158 -0.50 1.69 -14.72
N TYR B 159 0.23 2.24 -15.68
CA TYR B 159 1.50 2.81 -15.33
C TYR B 159 1.39 3.67 -14.07
N SER B 160 0.38 4.54 -14.00
CA SER B 160 0.18 5.41 -12.83
C SER B 160 0.01 4.62 -11.57
N GLY B 161 -0.97 3.73 -11.55
CA GLY B 161 -1.22 2.93 -10.36
C GLY B 161 0.02 2.23 -9.84
N ILE B 162 0.84 1.73 -10.77
CA ILE B 162 2.05 1.00 -10.43
C ILE B 162 3.07 1.94 -9.77
N ASN B 163 3.30 3.08 -10.40
CA ASN B 163 4.09 4.13 -9.82
C ASN B 163 3.63 4.52 -8.43
N ALA B 164 2.36 4.82 -8.31
CA ALA B 164 1.80 5.16 -7.05
C ALA B 164 2.24 4.15 -5.99
N VAL B 165 2.26 2.88 -6.35
CA VAL B 165 2.65 1.81 -5.43
C VAL B 165 4.16 1.79 -5.19
N TYR B 166 4.95 2.06 -6.22
CA TYR B 166 6.38 2.13 -6.03
C TYR B 166 6.69 3.18 -4.95
N GLU B 167 6.02 4.33 -5.00
CA GLU B 167 6.16 5.36 -3.96
C GLU B 167 5.63 4.90 -2.62
N GLU B 168 4.41 4.39 -2.61
CA GLU B 168 3.82 3.91 -1.35
C GLU B 168 4.73 2.90 -0.68
N VAL B 169 5.75 2.44 -1.39
CA VAL B 169 6.59 1.35 -0.90
C VAL B 169 8.01 1.82 -0.58
N GLY B 170 8.36 3.04 -0.95
CA GLY B 170 9.61 3.64 -0.53
C GLY B 170 10.66 3.69 -1.62
N TRP B 171 10.43 2.96 -2.71
CA TRP B 171 11.35 2.98 -3.84
C TRP B 171 11.98 4.35 -4.08
N SER B 172 13.30 4.38 -4.34
CA SER B 172 13.96 5.61 -4.85
C SER B 172 15.38 5.41 -5.43
N LYS B 173 16.12 6.52 -5.60
CA LYS B 173 17.55 6.55 -6.01
C LYS B 173 17.74 6.07 -7.44
#